data_6DB3
#
_entry.id   6DB3
#
_cell.length_a   48.551
_cell.length_b   75.557
_cell.length_c   89.789
_cell.angle_alpha   90.000
_cell.angle_beta   90.000
_cell.angle_gamma   90.000
#
_symmetry.space_group_name_H-M   'P 21 21 21'
#
loop_
_entity.id
_entity.type
_entity.pdbx_description
1 polymer 'Tyrosine-protein kinase JAK3'
2 non-polymer [(1S)-1-methyl-6-(7H-pyrrolo[2,3-d]pyrimidin-4-yl)-2,3-dihydro-1H-inden-1-yl]cyanamide
3 water water
#
_entity_poly.entity_id   1
_entity_poly.type   'polypeptide(L)'
_entity_poly.pdbx_seq_one_letter_code
;MGHHHHHHQDPTIFEERHLKYISQLGKGNFGSVELCRYDPLGDNTGALVAVKQLQHSGPDQQRDFQREIQILKALHSDFI
VKYRGVSYGPGRQSLRLVMEYLPSGCLRDFLQRHRARLDASRLLLYSSQICKGMEYLGSRRCVHRDLAARNILVESEAHV
KIADFGLAKLLPLDKDYYVVREPGQSPIFWYAPESLSDNIFSRQSDVWSFGVVLYELFTYCDKSCSPSAEFLRMMGCERD
VPALSRLLELLEEGQRLPAPPACPAEVHELMKLCWAPSPQDRPSFSALGPQLDMLWSGSRGCETHAFTAHPEGKHHSLSF
S
;
_entity_poly.pdbx_strand_id   A
#
# COMPACT_ATOMS: atom_id res chain seq x y z
N PRO A 11 -0.80 25.62 12.47
CA PRO A 11 -1.71 24.46 12.50
C PRO A 11 -1.03 23.13 12.14
N THR A 12 0.07 23.19 11.38
CA THR A 12 0.86 22.04 10.94
C THR A 12 2.10 21.80 11.84
N ILE A 13 2.23 22.60 12.92
CA ILE A 13 3.31 22.44 13.90
C ILE A 13 2.69 21.96 15.21
N PHE A 14 3.01 20.70 15.57
CA PHE A 14 2.49 20.04 16.75
C PHE A 14 3.56 20.07 17.82
N GLU A 15 3.23 20.59 19.00
CA GLU A 15 4.19 20.67 20.10
C GLU A 15 4.24 19.33 20.80
N GLU A 16 5.47 18.81 20.99
CA GLU A 16 5.78 17.55 21.67
C GLU A 16 5.03 17.34 22.98
N ARG A 17 5.05 18.34 23.86
CA ARG A 17 4.42 18.28 25.19
C ARG A 17 2.89 18.12 25.13
N HIS A 18 2.25 18.51 24.01
CA HIS A 18 0.80 18.40 23.86
C HIS A 18 0.33 17.08 23.25
N LEU A 19 1.25 16.30 22.65
CA LEU A 19 0.91 15.01 22.06
C LEU A 19 0.90 13.98 23.17
N LYS A 20 -0.28 13.44 23.48
CA LYS A 20 -0.43 12.48 24.57
C LYS A 20 -0.53 11.07 24.04
N TYR A 21 0.43 10.21 24.43
CA TYR A 21 0.48 8.82 23.97
C TYR A 21 -0.70 8.01 24.50
N ILE A 22 -1.33 7.20 23.61
CA ILE A 22 -2.44 6.35 24.01
C ILE A 22 -2.08 4.89 23.85
N SER A 23 -1.76 4.46 22.62
CA SER A 23 -1.43 3.06 22.35
C SER A 23 -0.61 2.91 21.11
N GLN A 24 -0.14 1.66 20.86
CA GLN A 24 0.59 1.34 19.62
C GLN A 24 -0.47 1.03 18.55
N LEU A 25 -0.25 1.50 17.31
CA LEU A 25 -1.16 1.13 16.22
C LEU A 25 -0.57 0.04 15.34
N GLY A 26 0.73 0.10 15.15
CA GLY A 26 1.44 -0.90 14.35
C GLY A 26 2.88 -0.53 14.10
N LYS A 27 3.54 -1.36 13.31
CA LYS A 27 4.93 -1.19 12.90
C LYS A 27 5.10 -1.54 11.43
N GLY A 28 6.31 -1.36 10.93
CA GLY A 28 6.63 -1.61 9.53
C GLY A 28 7.74 -0.69 9.08
N ASN A 29 8.71 -1.25 8.30
CA ASN A 29 9.89 -0.56 7.77
C ASN A 29 10.66 0.22 8.86
N PHE A 30 11.13 -0.53 9.89
CA PHE A 30 11.92 -0.07 11.04
C PHE A 30 11.40 1.22 11.78
N GLY A 31 10.07 1.34 11.85
CA GLY A 31 9.40 2.45 12.52
C GLY A 31 8.12 2.01 13.19
N SER A 32 7.39 2.95 13.81
CA SER A 32 6.13 2.59 14.47
C SER A 32 5.09 3.69 14.28
N VAL A 33 3.80 3.31 14.43
CA VAL A 33 2.66 4.23 14.34
C VAL A 33 1.95 4.15 15.70
N GLU A 34 1.74 5.30 16.33
CA GLU A 34 1.09 5.37 17.62
C GLU A 34 -0.17 6.18 17.54
N LEU A 35 -1.13 5.83 18.39
CA LEU A 35 -2.34 6.64 18.54
C LEU A 35 -2.03 7.60 19.69
N CYS A 36 -2.12 8.92 19.41
CA CYS A 36 -1.94 10.02 20.35
C CYS A 36 -3.16 10.93 20.32
N ARG A 37 -3.38 11.66 21.42
CA ARG A 37 -4.38 12.70 21.44
C ARG A 37 -3.58 13.98 21.42
N TYR A 38 -3.90 14.91 20.51
CA TYR A 38 -3.25 16.22 20.56
C TYR A 38 -4.13 17.01 21.53
N ASP A 39 -3.67 17.09 22.80
CA ASP A 39 -4.43 17.64 23.90
C ASP A 39 -3.82 18.87 24.60
N PRO A 40 -3.66 20.03 23.93
CA PRO A 40 -3.10 21.22 24.61
C PRO A 40 -3.89 21.68 25.83
N LEU A 41 -5.21 21.38 25.91
CA LEU A 41 -6.02 21.77 27.08
C LEU A 41 -5.76 20.85 28.28
N GLY A 42 -5.26 19.65 28.03
CA GLY A 42 -4.98 18.66 29.07
C GLY A 42 -6.22 18.06 29.71
N ASP A 43 -7.38 18.10 29.03
CA ASP A 43 -8.63 17.63 29.65
C ASP A 43 -9.27 16.41 28.95
N ASN A 44 -8.52 15.78 27.99
CA ASN A 44 -8.91 14.61 27.18
C ASN A 44 -9.94 14.91 26.12
N THR A 45 -10.10 16.21 25.75
CA THR A 45 -11.08 16.62 24.74
C THR A 45 -10.46 16.85 23.34
N GLY A 46 -9.13 16.89 23.27
CA GLY A 46 -8.41 17.09 22.01
C GLY A 46 -8.61 15.96 21.01
N ALA A 47 -8.26 16.22 19.74
CA ALA A 47 -8.42 15.25 18.65
C ALA A 47 -7.39 14.13 18.67
N LEU A 48 -7.83 12.93 18.27
CA LEU A 48 -6.99 11.76 18.09
C LEU A 48 -6.24 11.90 16.75
N VAL A 49 -4.93 11.55 16.74
CA VAL A 49 -4.08 11.62 15.54
C VAL A 49 -3.24 10.34 15.51
N ALA A 50 -2.79 9.94 14.29
CA ALA A 50 -1.88 8.80 14.11
C ALA A 50 -0.48 9.41 13.96
N VAL A 51 0.45 8.92 14.77
CA VAL A 51 1.79 9.53 14.81
C VAL A 51 2.85 8.48 14.50
N LYS A 52 3.63 8.75 13.45
CA LYS A 52 4.68 7.87 12.98
C LYS A 52 6.05 8.42 13.34
N GLN A 53 6.90 7.56 13.89
CA GLN A 53 8.27 7.92 14.27
C GLN A 53 9.24 6.78 13.94
N LEU A 54 10.53 7.10 13.87
CA LEU A 54 11.58 6.10 13.65
C LEU A 54 11.85 5.37 14.97
N GLN A 55 12.40 4.14 14.87
CA GLN A 55 12.76 3.30 16.00
C GLN A 55 14.12 2.64 15.80
N ASP A 60 21.49 7.50 8.56
CA ASP A 60 20.91 7.35 7.23
C ASP A 60 19.39 7.13 7.25
N GLN A 61 18.86 6.55 8.35
CA GLN A 61 17.42 6.28 8.55
C GLN A 61 16.62 7.58 8.63
N GLN A 62 17.24 8.64 9.25
CA GLN A 62 16.68 10.00 9.42
C GLN A 62 16.43 10.65 8.05
N ARG A 63 17.32 10.38 7.07
CA ARG A 63 17.24 10.91 5.70
C ARG A 63 16.00 10.35 4.97
N ASP A 64 15.78 9.02 5.08
CA ASP A 64 14.63 8.32 4.47
C ASP A 64 13.30 8.70 5.14
N PHE A 65 13.35 9.05 6.44
CA PHE A 65 12.18 9.49 7.18
C PHE A 65 11.78 10.90 6.74
N GLN A 66 12.78 11.80 6.60
CA GLN A 66 12.57 13.17 6.13
C GLN A 66 12.00 13.19 4.70
N ARG A 67 12.48 12.28 3.82
CA ARG A 67 11.99 12.13 2.45
C ARG A 67 10.52 11.71 2.46
N GLU A 68 10.17 10.74 3.34
CA GLU A 68 8.80 10.24 3.46
C GLU A 68 7.83 11.37 3.81
N ILE A 69 8.21 12.22 4.79
CA ILE A 69 7.43 13.39 5.24
C ILE A 69 7.23 14.37 4.07
N GLN A 70 8.32 14.70 3.34
CA GLN A 70 8.26 15.61 2.19
C GLN A 70 7.35 15.07 1.09
N ILE A 71 7.36 13.74 0.88
CA ILE A 71 6.48 13.12 -0.13
C ILE A 71 5.02 13.25 0.28
N LEU A 72 4.67 12.78 1.51
CA LEU A 72 3.28 12.81 1.99
C LEU A 72 2.71 14.22 2.09
N LYS A 73 3.52 15.18 2.57
CA LYS A 73 3.14 16.61 2.70
C LYS A 73 2.65 17.23 1.36
N ALA A 74 3.24 16.79 0.23
CA ALA A 74 2.91 17.28 -1.12
C ALA A 74 1.84 16.45 -1.85
N LEU A 75 1.22 15.44 -1.17
CA LEU A 75 0.15 14.65 -1.77
C LEU A 75 -1.20 15.12 -1.27
N HIS A 76 -2.14 15.40 -2.20
CA HIS A 76 -3.46 15.91 -1.87
C HIS A 76 -4.51 15.13 -2.62
N SER A 77 -5.00 14.07 -1.99
CA SER A 77 -5.98 13.20 -2.63
C SER A 77 -6.89 12.63 -1.60
N ASP A 78 -8.18 12.44 -1.99
CA ASP A 78 -9.17 11.77 -1.15
C ASP A 78 -8.76 10.30 -0.92
N PHE A 79 -7.83 9.77 -1.76
CA PHE A 79 -7.40 8.35 -1.67
C PHE A 79 -5.98 8.13 -1.14
N ILE A 80 -5.41 9.16 -0.54
CA ILE A 80 -4.08 9.08 0.09
C ILE A 80 -4.28 9.61 1.50
N VAL A 81 -3.75 8.90 2.51
CA VAL A 81 -3.85 9.33 3.91
C VAL A 81 -3.36 10.81 4.07
N LYS A 82 -4.16 11.60 4.81
CA LYS A 82 -3.85 13.03 4.98
C LYS A 82 -2.73 13.29 5.97
N TYR A 83 -1.73 14.04 5.50
CA TYR A 83 -0.63 14.59 6.28
C TYR A 83 -1.26 15.71 7.15
N ARG A 84 -0.99 15.74 8.47
CA ARG A 84 -1.46 16.82 9.35
C ARG A 84 -0.34 17.79 9.68
N GLY A 85 0.83 17.26 9.95
CA GLY A 85 1.99 18.08 10.29
C GLY A 85 3.13 17.27 10.87
N VAL A 86 4.05 17.94 11.56
CA VAL A 86 5.23 17.33 12.18
C VAL A 86 5.45 17.93 13.57
N SER A 87 6.02 17.14 14.49
CA SER A 87 6.49 17.59 15.80
C SER A 87 8.02 17.52 15.74
N TYR A 88 8.73 18.57 16.24
CA TYR A 88 10.20 18.60 16.21
C TYR A 88 10.83 18.27 17.56
N GLY A 89 12.10 17.83 17.51
CA GLY A 89 12.90 17.49 18.68
C GLY A 89 14.31 18.04 18.59
N SER A 94 13.21 16.91 12.27
CA SER A 94 11.86 16.34 12.35
C SER A 94 11.82 15.14 13.30
N LEU A 95 10.94 15.19 14.27
CA LEU A 95 10.86 14.05 15.17
C LEU A 95 9.74 13.10 14.76
N ARG A 96 8.52 13.62 14.57
CA ARG A 96 7.38 12.74 14.29
C ARG A 96 6.52 13.22 13.14
N LEU A 97 5.95 12.29 12.38
CA LEU A 97 5.02 12.60 11.28
C LEU A 97 3.59 12.47 11.84
N VAL A 98 2.79 13.55 11.76
CA VAL A 98 1.42 13.52 12.30
C VAL A 98 0.42 13.42 11.14
N MET A 99 -0.47 12.40 11.21
CA MET A 99 -1.47 12.16 10.17
C MET A 99 -2.83 12.02 10.79
N GLU A 100 -3.88 12.09 9.96
CA GLU A 100 -5.26 11.85 10.38
C GLU A 100 -5.36 10.39 10.89
N TYR A 101 -6.16 10.17 11.92
CA TYR A 101 -6.35 8.86 12.52
C TYR A 101 -7.56 8.23 11.87
N LEU A 102 -7.40 6.99 11.35
CA LEU A 102 -8.53 6.29 10.75
C LEU A 102 -8.81 5.09 11.66
N PRO A 103 -9.78 5.18 12.62
CA PRO A 103 -10.02 4.07 13.57
C PRO A 103 -10.29 2.68 12.97
N SER A 104 -10.86 2.62 11.75
CA SER A 104 -11.11 1.31 11.13
C SER A 104 -9.83 0.57 10.76
N GLY A 105 -8.69 1.27 10.72
CA GLY A 105 -7.39 0.66 10.49
C GLY A 105 -7.15 0.09 9.10
N CYS A 106 -6.21 -0.87 9.02
CA CYS A 106 -5.80 -1.47 7.75
C CYS A 106 -6.87 -2.32 7.07
N LEU A 107 -6.93 -2.23 5.75
CA LEU A 107 -7.86 -2.96 4.90
C LEU A 107 -7.77 -4.47 5.06
N ARG A 108 -6.55 -5.00 5.24
CA ARG A 108 -6.32 -6.43 5.38
C ARG A 108 -7.11 -7.01 6.55
N ASP A 109 -7.02 -6.36 7.73
CA ASP A 109 -7.74 -6.80 8.92
C ASP A 109 -9.22 -6.51 8.79
N PHE A 110 -9.58 -5.36 8.17
CA PHE A 110 -10.98 -4.96 7.98
C PHE A 110 -11.73 -5.99 7.14
N LEU A 111 -11.11 -6.43 6.00
CA LEU A 111 -11.70 -7.43 5.09
C LEU A 111 -11.98 -8.75 5.78
N GLN A 112 -11.06 -9.19 6.64
CA GLN A 112 -11.20 -10.45 7.36
C GLN A 112 -12.39 -10.38 8.33
N ARG A 113 -12.56 -9.24 9.03
CA ARG A 113 -13.63 -9.06 10.01
C ARG A 113 -14.99 -8.85 9.37
N HIS A 114 -15.07 -8.12 8.25
CA HIS A 114 -16.36 -7.79 7.63
C HIS A 114 -16.68 -8.55 6.37
N ARG A 115 -15.97 -9.66 6.11
CA ARG A 115 -16.18 -10.47 4.88
C ARG A 115 -17.62 -10.85 4.55
N ALA A 116 -18.43 -11.17 5.57
CA ALA A 116 -19.82 -11.57 5.41
C ALA A 116 -20.77 -10.40 5.12
N ARG A 117 -20.26 -9.16 5.21
CA ARG A 117 -21.01 -7.92 4.96
C ARG A 117 -20.61 -7.22 3.64
N LEU A 118 -19.40 -7.45 3.14
CA LEU A 118 -18.92 -6.76 1.92
C LEU A 118 -19.05 -7.65 0.68
N ASP A 119 -19.78 -7.17 -0.35
CA ASP A 119 -19.99 -7.92 -1.58
C ASP A 119 -19.00 -7.52 -2.67
N ALA A 120 -19.06 -8.18 -3.85
CA ALA A 120 -18.19 -7.92 -4.99
C ALA A 120 -18.21 -6.44 -5.40
N SER A 121 -19.40 -5.78 -5.36
CA SER A 121 -19.55 -4.36 -5.69
C SER A 121 -18.67 -3.50 -4.77
N ARG A 122 -18.71 -3.76 -3.47
CA ARG A 122 -17.88 -3.04 -2.52
C ARG A 122 -16.36 -3.27 -2.78
N LEU A 123 -15.95 -4.51 -3.13
CA LEU A 123 -14.53 -4.81 -3.40
C LEU A 123 -14.07 -4.05 -4.64
N LEU A 124 -14.96 -3.95 -5.65
CA LEU A 124 -14.71 -3.22 -6.91
C LEU A 124 -14.61 -1.72 -6.62
N LEU A 125 -15.40 -1.19 -5.65
CA LEU A 125 -15.35 0.22 -5.24
C LEU A 125 -13.99 0.49 -4.63
N TYR A 126 -13.51 -0.41 -3.73
CA TYR A 126 -12.19 -0.23 -3.11
C TYR A 126 -11.09 -0.27 -4.17
N SER A 127 -11.16 -1.26 -5.10
CA SER A 127 -10.19 -1.43 -6.19
C SER A 127 -10.05 -0.15 -7.02
N SER A 128 -11.18 0.47 -7.34
CA SER A 128 -11.27 1.71 -8.13
C SER A 128 -10.68 2.90 -7.37
N GLN A 129 -10.91 2.97 -6.04
CA GLN A 129 -10.36 4.03 -5.19
C GLN A 129 -8.84 3.87 -5.06
N ILE A 130 -8.34 2.64 -4.85
CA ILE A 130 -6.89 2.41 -4.79
C ILE A 130 -6.27 2.78 -6.16
N CYS A 131 -6.88 2.32 -7.25
CA CYS A 131 -6.39 2.64 -8.61
C CYS A 131 -6.32 4.17 -8.83
N LYS A 132 -7.35 4.91 -8.39
CA LYS A 132 -7.37 6.39 -8.49
C LYS A 132 -6.25 7.02 -7.69
N GLY A 133 -6.02 6.55 -6.47
CA GLY A 133 -4.91 7.04 -5.68
C GLY A 133 -3.56 6.75 -6.33
N MET A 134 -3.44 5.56 -6.95
CA MET A 134 -2.22 5.13 -7.65
C MET A 134 -1.99 5.92 -8.96
N GLU A 135 -3.06 6.24 -9.66
CA GLU A 135 -3.00 7.07 -10.86
C GLU A 135 -2.48 8.46 -10.45
N TYR A 136 -2.97 9.00 -9.32
CA TYR A 136 -2.50 10.28 -8.81
C TYR A 136 -1.02 10.21 -8.36
N LEU A 137 -0.60 9.13 -7.66
CA LEU A 137 0.82 8.98 -7.28
C LEU A 137 1.75 8.96 -8.50
N GLY A 138 1.34 8.25 -9.55
CA GLY A 138 2.09 8.17 -10.79
C GLY A 138 2.24 9.53 -11.44
N SER A 139 1.18 10.37 -11.38
CA SER A 139 1.17 11.74 -11.92
C SER A 139 2.17 12.63 -11.15
N ARG A 140 2.47 12.24 -9.90
CA ARG A 140 3.42 12.94 -9.05
C ARG A 140 4.84 12.38 -9.20
N ARG A 141 5.04 11.38 -10.12
CA ARG A 141 6.32 10.68 -10.38
C ARG A 141 6.72 9.89 -9.12
N CYS A 142 5.73 9.49 -8.33
CA CYS A 142 6.00 8.77 -7.08
C CYS A 142 5.77 7.28 -7.26
N VAL A 143 6.77 6.48 -6.87
CA VAL A 143 6.69 5.02 -6.89
C VAL A 143 6.48 4.63 -5.41
N HIS A 144 5.35 3.96 -5.10
CA HIS A 144 5.03 3.58 -3.70
C HIS A 144 5.98 2.50 -3.17
N ARG A 145 6.25 1.45 -3.98
CA ARG A 145 7.18 0.35 -3.70
C ARG A 145 6.66 -0.67 -2.65
N ASP A 146 5.54 -0.38 -1.96
CA ASP A 146 5.05 -1.30 -0.94
C ASP A 146 3.52 -1.42 -0.93
N LEU A 147 2.92 -1.44 -2.11
CA LEU A 147 1.48 -1.52 -2.21
C LEU A 147 0.99 -2.91 -1.87
N ALA A 148 0.20 -3.00 -0.80
CA ALA A 148 -0.34 -4.26 -0.24
C ALA A 148 -1.52 -3.85 0.64
N ALA A 149 -2.49 -4.75 0.86
CA ALA A 149 -3.68 -4.47 1.67
C ALA A 149 -3.35 -4.06 3.11
N ARG A 150 -2.17 -4.47 3.63
CA ARG A 150 -1.70 -4.11 4.98
C ARG A 150 -1.37 -2.60 5.04
N ASN A 151 -1.10 -1.97 3.86
CA ASN A 151 -0.76 -0.54 3.75
C ASN A 151 -1.88 0.31 3.20
N ILE A 152 -3.09 -0.25 3.15
CA ILE A 152 -4.28 0.50 2.73
C ILE A 152 -5.12 0.67 3.98
N LEU A 153 -5.60 1.90 4.24
CA LEU A 153 -6.45 2.23 5.39
C LEU A 153 -7.92 2.43 5.02
N VAL A 154 -8.81 2.15 5.99
CA VAL A 154 -10.26 2.25 5.79
C VAL A 154 -10.77 3.54 6.48
N GLU A 155 -11.23 4.49 5.67
CA GLU A 155 -11.80 5.77 6.14
C GLU A 155 -13.24 5.46 6.60
N SER A 156 -13.99 4.68 5.80
CA SER A 156 -15.36 4.26 6.08
C SER A 156 -15.64 2.99 5.28
N GLU A 157 -16.84 2.36 5.48
CA GLU A 157 -17.30 1.17 4.76
CA GLU A 157 -17.17 1.15 4.74
C GLU A 157 -17.21 1.32 3.21
N ALA A 158 -17.25 2.58 2.70
CA ALA A 158 -17.22 2.88 1.25
C ALA A 158 -16.03 3.79 0.84
N HIS A 159 -14.93 3.79 1.64
CA HIS A 159 -13.80 4.69 1.33
C HIS A 159 -12.51 4.17 1.92
N VAL A 160 -11.52 3.93 1.04
CA VAL A 160 -10.19 3.46 1.39
C VAL A 160 -9.14 4.47 0.98
N LYS A 161 -7.99 4.44 1.66
CA LYS A 161 -6.88 5.36 1.39
C LYS A 161 -5.54 4.62 1.44
N ILE A 162 -4.64 4.99 0.55
CA ILE A 162 -3.29 4.41 0.53
C ILE A 162 -2.45 5.11 1.61
N ALA A 163 -1.68 4.32 2.37
CA ALA A 163 -0.79 4.86 3.41
C ALA A 163 0.61 4.25 3.28
N ASP A 164 1.51 4.63 4.22
CA ASP A 164 2.90 4.18 4.35
C ASP A 164 3.77 4.47 3.14
N PHE A 165 4.36 5.65 3.14
CA PHE A 165 5.27 6.12 2.10
C PHE A 165 6.73 5.96 2.51
N GLY A 166 6.96 5.07 3.48
CA GLY A 166 8.29 4.76 4.00
C GLY A 166 9.31 4.26 2.97
N LEU A 167 8.84 3.54 1.93
CA LEU A 167 9.70 3.00 0.85
C LEU A 167 9.53 3.73 -0.49
N ALA A 168 8.63 4.71 -0.52
CA ALA A 168 8.31 5.48 -1.72
C ALA A 168 9.51 6.26 -2.29
N LYS A 169 9.59 6.33 -3.63
CA LYS A 169 10.66 7.03 -4.35
C LYS A 169 10.08 8.01 -5.38
N LEU A 170 10.71 9.16 -5.56
CA LEU A 170 10.32 10.15 -6.56
C LEU A 170 11.24 9.92 -7.77
N LEU A 171 10.66 9.69 -8.95
CA LEU A 171 11.44 9.43 -10.15
C LEU A 171 11.98 10.72 -10.73
N PRO A 172 13.31 10.80 -11.00
CA PRO A 172 13.85 12.02 -11.68
C PRO A 172 13.13 12.25 -13.01
N LEU A 173 13.16 13.50 -13.49
CA LEU A 173 12.44 13.84 -14.71
C LEU A 173 12.83 13.07 -15.99
N ASP A 174 14.08 12.58 -16.08
CA ASP A 174 14.58 11.93 -17.29
C ASP A 174 14.74 10.40 -17.18
N LYS A 175 14.24 9.80 -16.07
CA LYS A 175 14.38 8.37 -15.78
C LYS A 175 13.06 7.86 -15.21
N ASP A 176 12.46 6.87 -15.88
CA ASP A 176 11.15 6.30 -15.50
C ASP A 176 11.21 5.06 -14.59
N TYR A 177 12.38 4.74 -14.06
CA TYR A 177 12.55 3.60 -13.15
C TYR A 177 13.61 3.95 -12.15
N TYR A 178 13.74 3.11 -11.15
CA TYR A 178 14.68 3.29 -10.06
C TYR A 178 15.32 1.94 -9.71
N VAL A 179 16.63 1.95 -9.47
CA VAL A 179 17.39 0.75 -9.09
C VAL A 179 17.85 0.84 -7.63
N VAL A 180 17.40 -0.10 -6.79
CA VAL A 180 17.78 -0.15 -5.37
C VAL A 180 19.12 -0.87 -5.24
N ARG A 181 20.02 -0.35 -4.38
CA ARG A 181 21.35 -0.90 -4.12
C ARG A 181 21.33 -2.29 -3.47
N GLU A 182 20.48 -2.47 -2.43
CA GLU A 182 20.36 -3.73 -1.70
C GLU A 182 18.94 -4.33 -1.82
N PRO A 183 18.78 -5.69 -1.85
CA PRO A 183 17.42 -6.28 -1.93
C PRO A 183 16.52 -5.88 -0.75
N GLY A 184 15.23 -5.79 -1.03
CA GLY A 184 14.22 -5.36 -0.06
C GLY A 184 14.05 -6.24 1.16
N GLN A 185 13.43 -5.67 2.18
CA GLN A 185 13.13 -6.34 3.43
C GLN A 185 11.62 -6.64 3.58
N SER A 186 10.84 -6.46 2.50
CA SER A 186 9.39 -6.74 2.52
C SER A 186 9.06 -8.18 2.10
N PRO A 187 7.93 -8.78 2.57
CA PRO A 187 7.55 -10.12 2.04
C PRO A 187 7.60 -10.12 0.52
N ILE A 188 8.37 -11.06 -0.05
CA ILE A 188 8.67 -11.19 -1.49
C ILE A 188 7.48 -11.41 -2.44
N PHE A 189 6.32 -11.79 -1.89
CA PHE A 189 5.14 -12.17 -2.65
C PHE A 189 4.38 -11.07 -3.39
N TRP A 190 4.77 -9.82 -3.19
CA TRP A 190 4.15 -8.68 -3.88
C TRP A 190 5.11 -8.11 -4.95
N TYR A 191 6.42 -8.48 -4.90
CA TYR A 191 7.44 -7.96 -5.82
C TYR A 191 7.28 -8.44 -7.24
N ALA A 192 7.44 -7.51 -8.21
CA ALA A 192 7.42 -7.80 -9.64
C ALA A 192 8.67 -8.65 -10.02
N PRO A 193 8.68 -9.41 -11.14
CA PRO A 193 9.88 -10.20 -11.50
C PRO A 193 11.15 -9.35 -11.65
N GLU A 194 11.02 -8.16 -12.29
CA GLU A 194 12.18 -7.24 -12.45
C GLU A 194 12.67 -6.69 -11.14
N SER A 195 11.78 -6.62 -10.12
CA SER A 195 12.18 -6.21 -8.79
C SER A 195 12.91 -7.36 -8.11
N LEU A 196 12.38 -8.60 -8.27
CA LEU A 196 13.00 -9.80 -7.70
C LEU A 196 14.37 -10.09 -8.36
N SER A 197 14.48 -9.91 -9.68
CA SER A 197 15.73 -10.19 -10.37
C SER A 197 16.77 -9.08 -10.35
N ASP A 198 16.38 -7.84 -10.66
CA ASP A 198 17.31 -6.72 -10.79
C ASP A 198 17.15 -5.53 -9.83
N ASN A 199 16.27 -5.64 -8.79
CA ASN A 199 15.98 -4.57 -7.82
C ASN A 199 15.50 -3.29 -8.53
N ILE A 200 14.80 -3.46 -9.65
CA ILE A 200 14.22 -2.39 -10.48
C ILE A 200 12.79 -2.12 -10.03
N PHE A 201 12.46 -0.84 -9.83
CA PHE A 201 11.14 -0.38 -9.41
C PHE A 201 10.71 0.78 -10.25
N SER A 202 9.43 0.79 -10.60
CA SER A 202 8.82 1.82 -11.42
C SER A 202 7.31 1.84 -11.14
N ARG A 203 6.57 2.69 -11.87
CA ARG A 203 5.11 2.76 -11.76
C ARG A 203 4.46 1.46 -12.28
N GLN A 204 5.17 0.74 -13.18
CA GLN A 204 4.77 -0.54 -13.77
C GLN A 204 4.94 -1.71 -12.76
N SER A 205 5.94 -1.66 -11.86
CA SER A 205 6.09 -2.67 -10.78
C SER A 205 5.02 -2.39 -9.70
N ASP A 206 4.57 -1.09 -9.55
CA ASP A 206 3.46 -0.73 -8.67
C ASP A 206 2.18 -1.35 -9.25
N VAL A 207 2.05 -1.42 -10.60
CA VAL A 207 0.90 -2.06 -11.29
C VAL A 207 0.89 -3.58 -10.95
N TRP A 208 2.07 -4.22 -10.97
CA TRP A 208 2.18 -5.65 -10.62
C TRP A 208 1.64 -5.85 -9.17
N SER A 209 2.16 -5.04 -8.22
CA SER A 209 1.74 -5.08 -6.82
C SER A 209 0.24 -4.88 -6.67
N PHE A 210 -0.37 -4.01 -7.50
CA PHE A 210 -1.83 -3.77 -7.52
C PHE A 210 -2.59 -5.03 -7.92
N GLY A 211 -2.02 -5.81 -8.86
CA GLY A 211 -2.58 -7.11 -9.22
C GLY A 211 -2.68 -7.99 -7.99
N VAL A 212 -1.64 -7.98 -7.12
CA VAL A 212 -1.62 -8.77 -5.85
C VAL A 212 -2.66 -8.16 -4.87
N VAL A 213 -2.81 -6.82 -4.89
CA VAL A 213 -3.84 -6.16 -4.08
C VAL A 213 -5.25 -6.61 -4.51
N LEU A 214 -5.51 -6.71 -5.82
CA LEU A 214 -6.81 -7.18 -6.33
C LEU A 214 -7.07 -8.62 -5.84
N TYR A 215 -6.03 -9.48 -5.90
CA TYR A 215 -6.11 -10.86 -5.40
C TYR A 215 -6.47 -10.83 -3.87
N GLU A 216 -5.79 -9.94 -3.09
CA GLU A 216 -6.02 -9.77 -1.65
C GLU A 216 -7.47 -9.39 -1.37
N LEU A 217 -8.00 -8.42 -2.10
CA LEU A 217 -9.40 -7.97 -1.94
C LEU A 217 -10.39 -9.13 -2.21
N PHE A 218 -10.20 -9.84 -3.34
CA PHE A 218 -11.10 -10.91 -3.76
C PHE A 218 -11.02 -12.22 -2.97
N THR A 219 -10.01 -12.35 -2.06
CA THR A 219 -9.87 -13.47 -1.12
C THR A 219 -10.24 -12.97 0.30
N TYR A 220 -10.62 -11.67 0.41
CA TYR A 220 -10.91 -10.96 1.68
C TYR A 220 -9.75 -11.10 2.64
N CYS A 221 -8.53 -11.14 2.08
CA CYS A 221 -7.30 -11.33 2.87
C CYS A 221 -7.30 -12.58 3.73
N ASP A 222 -7.95 -13.65 3.22
CA ASP A 222 -7.96 -14.95 3.88
C ASP A 222 -6.55 -15.48 3.95
N LYS A 223 -6.08 -15.80 5.18
CA LYS A 223 -4.73 -16.34 5.44
C LYS A 223 -4.45 -17.65 4.72
N SER A 224 -5.46 -18.54 4.62
CA SER A 224 -5.29 -19.86 3.97
C SER A 224 -4.98 -19.81 2.48
N CYS A 225 -5.47 -18.78 1.77
CA CYS A 225 -5.15 -18.62 0.33
C CYS A 225 -4.41 -17.28 0.06
N SER A 226 -3.70 -16.76 1.07
CA SER A 226 -2.94 -15.51 0.98
C SER A 226 -1.82 -15.61 -0.09
N PRO A 227 -1.28 -14.48 -0.61
CA PRO A 227 -0.16 -14.60 -1.57
C PRO A 227 0.99 -15.46 -1.05
N SER A 228 1.35 -15.35 0.25
CA SER A 228 2.42 -16.14 0.84
C SER A 228 2.08 -17.63 0.97
N ALA A 229 0.85 -17.96 1.46
CA ALA A 229 0.44 -19.37 1.64
C ALA A 229 0.29 -20.04 0.30
N GLU A 230 -0.37 -19.37 -0.65
CA GLU A 230 -0.59 -19.94 -1.96
C GLU A 230 0.67 -20.04 -2.80
N PHE A 231 1.53 -19.00 -2.80
CA PHE A 231 2.80 -19.14 -3.52
C PHE A 231 3.71 -20.24 -2.90
N LEU A 232 3.83 -20.31 -1.54
CA LEU A 232 4.63 -21.40 -0.91
C LEU A 232 4.12 -22.77 -1.37
N ARG A 233 2.77 -22.95 -1.34
CA ARG A 233 2.07 -24.18 -1.74
C ARG A 233 2.43 -24.57 -3.18
N MET A 234 2.37 -23.60 -4.11
CA MET A 234 2.73 -23.82 -5.51
C MET A 234 4.24 -24.09 -5.73
N MET A 235 5.13 -23.48 -4.90
CA MET A 235 6.59 -23.58 -5.00
C MET A 235 7.16 -24.97 -4.71
N ASP A 240 18.83 -27.50 -3.23
CA ASP A 240 18.83 -26.40 -2.28
C ASP A 240 18.86 -25.04 -3.00
N VAL A 241 17.66 -24.47 -3.24
CA VAL A 241 17.46 -23.21 -3.95
C VAL A 241 16.75 -22.20 -3.01
N PRO A 242 17.22 -20.91 -2.94
CA PRO A 242 16.53 -19.93 -2.09
C PRO A 242 15.10 -19.65 -2.57
N ALA A 243 14.17 -19.35 -1.62
CA ALA A 243 12.77 -19.05 -1.88
C ALA A 243 12.55 -17.96 -2.92
N LEU A 244 13.38 -16.89 -2.90
CA LEU A 244 13.30 -15.77 -3.85
C LEU A 244 13.53 -16.27 -5.27
N SER A 245 14.60 -17.08 -5.48
CA SER A 245 14.95 -17.68 -6.77
C SER A 245 13.87 -18.69 -7.21
N ARG A 246 13.30 -19.45 -6.26
CA ARG A 246 12.21 -20.39 -6.52
C ARG A 246 10.91 -19.65 -6.96
N LEU A 247 10.64 -18.46 -6.37
CA LEU A 247 9.48 -17.65 -6.75
C LEU A 247 9.69 -17.07 -8.14
N LEU A 248 10.90 -16.53 -8.41
CA LEU A 248 11.26 -15.98 -9.72
C LEU A 248 11.09 -17.06 -10.80
N GLU A 249 11.58 -18.29 -10.53
CA GLU A 249 11.47 -19.46 -11.43
C GLU A 249 10.00 -19.73 -11.75
N LEU A 250 9.16 -19.80 -10.70
CA LEU A 250 7.71 -20.00 -10.74
C LEU A 250 7.11 -18.94 -11.69
N LEU A 251 7.39 -17.65 -11.41
CA LEU A 251 6.87 -16.53 -12.20
C LEU A 251 7.38 -16.51 -13.65
N GLU A 252 8.70 -16.75 -13.86
CA GLU A 252 9.29 -16.79 -15.22
C GLU A 252 8.66 -17.88 -16.11
N GLU A 253 8.20 -19.00 -15.49
CA GLU A 253 7.50 -20.10 -16.17
C GLU A 253 6.07 -19.71 -16.57
N GLY A 254 5.59 -18.57 -16.09
CA GLY A 254 4.24 -18.10 -16.38
C GLY A 254 3.21 -18.50 -15.35
N GLN A 255 3.65 -19.16 -14.27
CA GLN A 255 2.73 -19.55 -13.20
C GLN A 255 2.29 -18.33 -12.40
N ARG A 256 1.02 -18.26 -12.05
CA ARG A 256 0.43 -17.12 -11.33
C ARG A 256 -0.48 -17.61 -10.22
N LEU A 257 -0.78 -16.74 -9.25
CA LEU A 257 -1.76 -17.06 -8.20
C LEU A 257 -3.10 -17.41 -8.88
N PRO A 258 -3.87 -18.39 -8.35
CA PRO A 258 -5.11 -18.81 -9.02
C PRO A 258 -6.23 -17.82 -8.78
N ALA A 259 -7.29 -17.88 -9.60
CA ALA A 259 -8.46 -17.04 -9.41
C ALA A 259 -9.01 -17.28 -7.98
N PRO A 260 -9.23 -16.23 -7.15
CA PRO A 260 -9.81 -16.45 -5.81
C PRO A 260 -11.17 -17.18 -5.86
N PRO A 261 -11.58 -17.88 -4.79
CA PRO A 261 -12.92 -18.53 -4.81
C PRO A 261 -14.03 -17.51 -5.08
N ALA A 262 -14.93 -17.84 -6.04
CA ALA A 262 -16.06 -17.02 -6.49
C ALA A 262 -15.69 -15.68 -7.14
N CYS A 263 -14.42 -15.50 -7.56
CA CYS A 263 -13.95 -14.28 -8.22
C CYS A 263 -14.67 -14.09 -9.56
N PRO A 264 -15.21 -12.88 -9.88
CA PRO A 264 -15.78 -12.68 -11.23
C PRO A 264 -14.66 -12.87 -12.26
N ALA A 265 -14.95 -13.54 -13.39
CA ALA A 265 -13.94 -13.82 -14.43
C ALA A 265 -13.17 -12.58 -14.90
N GLU A 266 -13.88 -11.45 -15.11
CA GLU A 266 -13.29 -10.19 -15.56
C GLU A 266 -12.24 -9.60 -14.61
N VAL A 267 -12.47 -9.74 -13.28
CA VAL A 267 -11.56 -9.24 -12.25
C VAL A 267 -10.26 -10.04 -12.34
N HIS A 268 -10.38 -11.37 -12.43
CA HIS A 268 -9.22 -12.26 -12.57
C HIS A 268 -8.42 -11.94 -13.85
N GLU A 269 -9.09 -11.63 -14.98
CA GLU A 269 -8.42 -11.27 -16.24
C GLU A 269 -7.55 -10.01 -16.07
N LEU A 270 -8.04 -9.03 -15.25
CA LEU A 270 -7.29 -7.79 -14.93
C LEU A 270 -6.06 -8.06 -14.13
N MET A 271 -6.18 -8.97 -13.11
CA MET A 271 -5.03 -9.38 -12.30
C MET A 271 -3.93 -9.90 -13.22
N LYS A 272 -4.29 -10.81 -14.14
CA LYS A 272 -3.38 -11.43 -15.12
C LYS A 272 -2.73 -10.41 -16.03
N LEU A 273 -3.45 -9.35 -16.39
CA LEU A 273 -2.87 -8.23 -17.17
C LEU A 273 -1.83 -7.47 -16.32
N CYS A 274 -2.14 -7.23 -15.01
CA CYS A 274 -1.22 -6.56 -14.07
C CYS A 274 0.01 -7.38 -13.89
N TRP A 275 -0.15 -8.71 -14.03
CA TRP A 275 0.97 -9.65 -13.92
C TRP A 275 1.70 -10.00 -15.24
N ALA A 276 1.65 -9.09 -16.25
CA ALA A 276 2.35 -9.34 -17.51
C ALA A 276 3.86 -9.48 -17.21
N PRO A 277 4.57 -10.45 -17.83
CA PRO A 277 6.01 -10.62 -17.53
C PRO A 277 6.86 -9.34 -17.69
N SER A 278 6.58 -8.56 -18.76
CA SER A 278 7.34 -7.35 -19.05
C SER A 278 6.61 -6.08 -18.54
N PRO A 279 7.33 -5.18 -17.84
CA PRO A 279 6.68 -3.97 -17.29
C PRO A 279 5.91 -3.13 -18.31
N GLN A 280 6.45 -3.05 -19.54
CA GLN A 280 5.88 -2.29 -20.67
C GLN A 280 4.52 -2.82 -21.16
N ASP A 281 4.20 -4.11 -20.94
CA ASP A 281 2.93 -4.73 -21.36
C ASP A 281 1.79 -4.67 -20.36
N ARG A 282 2.12 -4.32 -19.10
CA ARG A 282 1.15 -4.17 -18.00
C ARG A 282 0.30 -2.94 -18.29
N PRO A 283 -1.04 -2.96 -18.05
CA PRO A 283 -1.83 -1.75 -18.30
C PRO A 283 -1.40 -0.61 -17.37
N SER A 284 -1.74 0.63 -17.72
CA SER A 284 -1.42 1.77 -16.86
C SER A 284 -2.52 1.88 -15.83
N PHE A 285 -2.31 2.63 -14.72
CA PHE A 285 -3.39 2.87 -13.75
C PHE A 285 -4.51 3.68 -14.41
N SER A 286 -4.18 4.58 -15.38
CA SER A 286 -5.22 5.34 -16.11
C SER A 286 -6.06 4.43 -17.01
N ALA A 287 -5.47 3.38 -17.58
CA ALA A 287 -6.22 2.40 -18.38
C ALA A 287 -7.04 1.49 -17.45
N LEU A 288 -6.48 1.10 -16.28
CA LEU A 288 -7.22 0.24 -15.33
C LEU A 288 -8.47 0.87 -14.71
N GLY A 289 -8.38 2.14 -14.32
CA GLY A 289 -9.43 2.92 -13.68
C GLY A 289 -10.81 2.84 -14.30
N PRO A 290 -10.97 3.23 -15.59
CA PRO A 290 -12.31 3.14 -16.23
C PRO A 290 -12.82 1.71 -16.34
N GLN A 291 -11.92 0.72 -16.47
CA GLN A 291 -12.32 -0.70 -16.53
C GLN A 291 -12.91 -1.17 -15.17
N LEU A 292 -12.29 -0.75 -14.06
CA LEU A 292 -12.79 -1.09 -12.71
C LEU A 292 -14.10 -0.35 -12.45
N ASP A 293 -14.18 0.95 -12.87
CA ASP A 293 -15.39 1.77 -12.78
C ASP A 293 -16.55 1.12 -13.54
N MET A 294 -16.25 0.55 -14.74
CA MET A 294 -17.26 -0.16 -15.56
C MET A 294 -17.70 -1.46 -14.90
N LEU A 295 -16.76 -2.22 -14.31
CA LEU A 295 -17.11 -3.46 -13.62
C LEU A 295 -17.93 -3.19 -12.38
N TRP A 296 -17.63 -2.10 -11.64
CA TRP A 296 -18.34 -1.68 -10.43
C TRP A 296 -19.82 -1.40 -10.74
N SER A 297 -20.09 -0.66 -11.85
CA SER A 297 -21.44 -0.33 -12.31
C SER A 297 -21.91 -1.31 -13.37
#